data_2GEY
#
_entry.id   2GEY
#
_cell.length_a   80.908
_cell.length_b   81.724
_cell.length_c   136.640
_cell.angle_alpha   90.00
_cell.angle_beta   90.00
_cell.angle_gamma   90.00
#
_symmetry.space_group_name_H-M   'P 21 21 21'
#
loop_
_entity.id
_entity.type
_entity.pdbx_description
1 polymer 'AclR protein'
2 non-polymer 'TETRAETHYLENE GLYCOL'
3 non-polymer GLYCEROL
4 non-polymer DI(HYDROXYETHYL)ETHER
5 water water
#
_entity_poly.entity_id   1
_entity_poly.type   'polypeptide(L)'
_entity_poly.pdbx_seq_one_letter_code
;MSMAERKALCLEMVAAWNRWDLSGIIKHWSPDIVHYSEDNEVSSADMVKLMEGGLKAFPDLQLEVKSIMAEEDRVALRIT
VTATHQGEFMGVQPTGQRVSWHLVEELRFVDGKVVEHWDVINMRPLLVRLGKLPDVPKVVLEASAKLAAALEHHHHHH
;
_entity_poly.pdbx_strand_id   A,B,C,D
#
# COMPACT_ATOMS: atom_id res chain seq x y z
N SER A 2 -3.70 -11.21 1.20
CA SER A 2 -2.84 -11.87 2.22
C SER A 2 -2.47 -10.87 3.30
N MET A 3 -1.93 -11.37 4.41
CA MET A 3 -1.47 -10.50 5.48
C MET A 3 -0.40 -9.52 4.98
N ALA A 4 0.52 -10.00 4.16
CA ALA A 4 1.58 -9.16 3.60
C ALA A 4 1.00 -8.00 2.78
N GLU A 5 0.00 -8.30 1.96
CA GLU A 5 -0.63 -7.28 1.12
C GLU A 5 -1.40 -6.26 1.95
N ARG A 6 -2.10 -6.74 2.98
CA ARG A 6 -2.86 -5.83 3.84
C ARG A 6 -1.92 -4.93 4.65
N LYS A 7 -0.80 -5.47 5.12
CA LYS A 7 0.25 -4.62 5.74
C LYS A 7 0.72 -3.53 4.78
N ALA A 8 1.01 -3.93 3.54
CA ALA A 8 1.45 -2.97 2.53
C ALA A 8 0.42 -1.87 2.30
N LEU A 9 -0.87 -2.22 2.25
CA LEU A 9 -1.91 -1.21 2.07
C LEU A 9 -1.95 -0.26 3.27
N CYS A 10 -1.83 -0.81 4.47
CA CYS A 10 -1.78 0.04 5.68
C CYS A 10 -0.60 1.01 5.65
N LEU A 11 0.54 0.54 5.16
CA LEU A 11 1.71 1.41 5.07
C LEU A 11 1.54 2.48 3.99
N GLU A 12 0.70 2.20 3.00
CA GLU A 12 0.33 3.25 2.03
C GLU A 12 -0.52 4.33 2.65
N MET A 13 -1.40 3.94 3.57
CA MET A 13 -2.18 4.88 4.33
C MET A 13 -1.27 5.73 5.25
N VAL A 14 -0.28 5.10 5.88
CA VAL A 14 0.74 5.85 6.64
C VAL A 14 1.48 6.83 5.72
N ALA A 15 1.87 6.36 4.54
CA ALA A 15 2.58 7.23 3.60
C ALA A 15 1.72 8.43 3.20
N ALA A 16 0.41 8.22 3.04
CA ALA A 16 -0.53 9.29 2.74
C ALA A 16 -0.54 10.34 3.85
N TRP A 17 -0.62 9.90 5.10
CA TRP A 17 -0.50 10.80 6.25
C TRP A 17 0.79 11.60 6.13
N ASN A 18 1.88 10.92 5.79
CA ASN A 18 3.20 11.54 5.85
C ASN A 18 3.50 12.51 4.72
N ARG A 19 2.69 12.48 3.66
CA ARG A 19 2.69 13.54 2.65
C ARG A 19 1.47 14.46 2.78
N TRP A 20 0.75 14.33 3.89
CA TRP A 20 -0.36 15.22 4.24
C TRP A 20 -1.49 15.21 3.21
N ASP A 21 -1.85 14.00 2.77
CA ASP A 21 -2.85 13.77 1.73
C ASP A 21 -4.01 12.94 2.30
N LEU A 22 -5.03 13.59 2.82
CA LEU A 22 -6.12 12.85 3.47
C LEU A 22 -6.89 11.98 2.48
N SER A 23 -6.97 12.41 1.22
CA SER A 23 -7.69 11.64 0.20
CA SER A 23 -7.69 11.64 0.20
C SER A 23 -7.05 10.27 0.00
N GLY A 24 -5.72 10.19 0.16
CA GLY A 24 -4.96 8.94 0.03
C GLY A 24 -5.17 7.96 1.16
N ILE A 25 -5.76 8.42 2.26
CA ILE A 25 -6.16 7.55 3.35
C ILE A 25 -7.59 7.08 3.10
N ILE A 26 -8.51 8.02 2.90
CA ILE A 26 -9.93 7.71 2.83
CA ILE A 26 -9.94 7.68 2.84
C ILE A 26 -10.29 6.86 1.60
N LYS A 27 -9.44 6.90 0.57
CA LYS A 27 -9.69 6.09 -0.63
C LYS A 27 -9.68 4.59 -0.34
N HIS A 28 -9.08 4.20 0.79
CA HIS A 28 -8.99 2.80 1.18
C HIS A 28 -10.12 2.37 2.10
N TRP A 29 -10.98 3.32 2.48
CA TRP A 29 -12.11 3.01 3.34
C TRP A 29 -13.25 2.43 2.54
N SER A 30 -13.88 1.40 3.08
CA SER A 30 -15.15 0.93 2.53
C SER A 30 -16.21 2.02 2.71
N PRO A 31 -17.18 2.09 1.80
CA PRO A 31 -18.36 2.92 2.04
C PRO A 31 -19.08 2.58 3.36
N ASP A 32 -18.94 1.33 3.81
CA ASP A 32 -19.63 0.87 5.02
C ASP A 32 -18.72 0.81 6.25
N ILE A 33 -17.59 1.50 6.18
CA ILE A 33 -16.64 1.50 7.27
C ILE A 33 -17.27 1.99 8.59
N VAL A 34 -16.90 1.34 9.68
CA VAL A 34 -17.23 1.79 11.03
C VAL A 34 -15.95 2.10 11.79
N HIS A 35 -15.93 3.25 12.46
CA HIS A 35 -14.81 3.67 13.28
C HIS A 35 -15.18 3.58 14.75
N TYR A 36 -14.27 3.05 15.56
CA TYR A 36 -14.45 2.98 16.99
C TYR A 36 -13.29 3.65 17.73
N SER A 37 -13.62 4.33 18.81
CA SER A 37 -12.63 4.90 19.71
C SER A 37 -13.20 4.89 21.13
N GLU A 38 -12.42 4.37 22.08
CA GLU A 38 -12.85 4.20 23.46
C GLU A 38 -14.16 3.40 23.55
N ASP A 39 -14.26 2.37 22.71
CA ASP A 39 -15.40 1.45 22.64
C ASP A 39 -16.74 2.09 22.24
N ASN A 40 -16.68 3.28 21.64
CA ASN A 40 -17.85 3.94 21.09
C ASN A 40 -17.62 4.19 19.62
N GLU A 41 -18.68 4.13 18.81
CA GLU A 41 -18.56 4.41 17.39
CA GLU A 41 -18.56 4.41 17.39
C GLU A 41 -18.37 5.91 17.16
N VAL A 42 -17.55 6.23 16.17
CA VAL A 42 -17.32 7.60 15.73
C VAL A 42 -17.75 7.66 14.26
N SER A 43 -18.60 8.62 13.91
CA SER A 43 -19.07 8.73 12.53
C SER A 43 -17.91 9.06 11.60
N SER A 44 -18.00 8.61 10.34
CA SER A 44 -16.98 8.94 9.35
C SER A 44 -16.86 10.45 9.18
N ALA A 45 -18.00 11.14 9.23
CA ALA A 45 -18.04 12.61 9.16
C ALA A 45 -17.19 13.23 10.25
N ASP A 46 -17.36 12.74 11.48
CA ASP A 46 -16.59 13.26 12.61
C ASP A 46 -15.12 12.87 12.50
N MET A 47 -14.86 11.65 12.03
CA MET A 47 -13.49 11.19 11.87
C MET A 47 -12.72 12.08 10.89
N VAL A 48 -13.32 12.34 9.74
CA VAL A 48 -12.68 13.19 8.74
C VAL A 48 -12.44 14.60 9.29
N LYS A 49 -13.40 15.14 10.05
CA LYS A 49 -13.22 16.45 10.68
C LYS A 49 -12.03 16.48 11.65
N LEU A 50 -11.85 15.39 12.41
CA LEU A 50 -10.73 15.30 13.34
C LEU A 50 -9.42 15.20 12.58
N MET A 51 -9.45 14.49 11.46
CA MET A 51 -8.26 14.35 10.62
C MET A 51 -7.87 15.71 10.03
N GLU A 52 -8.86 16.42 9.49
CA GLU A 52 -8.63 17.76 8.92
C GLU A 52 -8.13 18.75 9.97
N GLY A 53 -8.77 18.75 11.14
CA GLY A 53 -8.39 19.65 12.23
C GLY A 53 -7.01 19.34 12.77
N GLY A 54 -6.70 18.05 12.87
CA GLY A 54 -5.39 17.60 13.32
C GLY A 54 -4.28 18.04 12.37
N LEU A 55 -4.53 17.88 11.07
CA LEU A 55 -3.56 18.29 10.06
C LEU A 55 -3.34 19.80 10.06
N LYS A 56 -4.40 20.57 10.29
CA LYS A 56 -4.27 22.02 10.37
C LYS A 56 -3.41 22.48 11.56
N ALA A 57 -3.62 21.83 12.71
CA ALA A 57 -2.90 22.18 13.93
C ALA A 57 -1.43 21.74 13.87
N PHE A 58 -1.21 20.59 13.23
CA PHE A 58 0.11 19.96 13.13
C PHE A 58 0.48 19.66 11.67
N PRO A 59 0.69 20.72 10.88
CA PRO A 59 0.83 20.61 9.42
C PRO A 59 2.05 19.84 8.91
N ASP A 60 3.03 19.62 9.79
CA ASP A 60 4.25 18.92 9.44
C ASP A 60 4.33 17.55 10.12
N LEU A 61 3.18 17.02 10.56
CA LEU A 61 3.21 15.81 11.36
C LEU A 61 3.82 14.65 10.58
N GLN A 62 4.47 13.76 11.31
CA GLN A 62 5.06 12.55 10.74
C GLN A 62 4.71 11.36 11.60
N LEU A 63 4.33 10.27 10.96
CA LEU A 63 4.03 9.01 11.63
C LEU A 63 5.21 8.08 11.50
N GLU A 64 5.70 7.58 12.64
CA GLU A 64 6.71 6.54 12.63
C GLU A 64 6.08 5.24 13.06
N VAL A 65 6.14 4.23 12.19
CA VAL A 65 5.60 2.92 12.54
C VAL A 65 6.63 2.17 13.38
N LYS A 66 6.31 2.00 14.66
CA LYS A 66 7.18 1.29 15.59
C LYS A 66 7.01 -0.22 15.46
N SER A 67 5.80 -0.65 15.17
CA SER A 67 5.53 -2.06 14.95
CA SER A 67 5.50 -2.06 14.99
C SER A 67 4.28 -2.23 14.09
N ILE A 68 4.27 -3.31 13.32
CA ILE A 68 3.12 -3.67 12.50
C ILE A 68 2.89 -5.18 12.64
N MET A 69 1.63 -5.57 12.73
CA MET A 69 1.28 -6.95 12.95
C MET A 69 0.03 -7.24 12.14
N ALA A 70 -0.08 -8.47 11.64
CA ALA A 70 -1.25 -8.88 10.88
C ALA A 70 -1.64 -10.31 11.24
N GLU A 71 -2.95 -10.54 11.31
CA GLU A 71 -3.51 -11.88 11.52
C GLU A 71 -4.91 -11.88 10.92
N GLU A 72 -5.26 -12.98 10.27
CA GLU A 72 -6.55 -13.09 9.61
CA GLU A 72 -6.51 -13.11 9.54
C GLU A 72 -6.75 -11.87 8.68
N ASP A 73 -7.87 -11.16 8.84
CA ASP A 73 -8.18 -9.99 7.99
C ASP A 73 -7.84 -8.64 8.65
N ARG A 74 -7.06 -8.70 9.73
CA ARG A 74 -6.73 -7.51 10.50
C ARG A 74 -5.25 -7.13 10.44
N VAL A 75 -4.99 -5.85 10.63
CA VAL A 75 -3.63 -5.32 10.76
C VAL A 75 -3.66 -4.32 11.93
N ALA A 76 -2.59 -4.31 12.72
CA ALA A 76 -2.43 -3.33 13.81
C ALA A 76 -1.06 -2.65 13.70
N LEU A 77 -1.04 -1.35 13.89
CA LEU A 77 0.17 -0.55 13.78
C LEU A 77 0.33 0.23 15.06
N ARG A 78 1.50 0.13 15.67
CA ARG A 78 1.87 0.98 16.79
C ARG A 78 2.70 2.12 16.22
N ILE A 79 2.21 3.34 16.43
CA ILE A 79 2.72 4.52 15.74
C ILE A 79 3.07 5.62 16.73
N THR A 80 4.19 6.29 16.50
CA THR A 80 4.55 7.51 17.20
C THR A 80 4.42 8.67 16.24
N VAL A 81 3.69 9.71 16.67
CA VAL A 81 3.50 10.91 15.86
C VAL A 81 4.38 12.01 16.44
N THR A 82 5.08 12.73 15.55
CA THR A 82 5.83 13.93 15.94
C THR A 82 5.44 15.07 15.02
N ALA A 83 5.42 16.28 15.56
CA ALA A 83 5.01 17.45 14.80
C ALA A 83 5.41 18.72 15.51
N THR A 84 5.14 19.85 14.85
CA THR A 84 5.25 21.16 15.47
C THR A 84 3.83 21.70 15.64
N HIS A 85 3.58 22.37 16.76
CA HIS A 85 2.27 22.94 17.04
C HIS A 85 2.17 24.32 16.37
N GLN A 86 1.56 24.34 15.17
CA GLN A 86 1.50 25.52 14.33
C GLN A 86 0.09 26.13 14.23
N GLY A 87 -0.94 25.34 14.55
CA GLY A 87 -2.32 25.84 14.53
C GLY A 87 -3.03 25.59 15.84
N GLU A 88 -4.08 26.37 16.13
CA GLU A 88 -4.82 26.20 17.38
CA GLU A 88 -4.86 26.21 17.35
C GLU A 88 -5.32 24.77 17.51
N PHE A 89 -5.19 24.22 18.72
CA PHE A 89 -5.61 22.86 19.00
C PHE A 89 -6.12 22.76 20.43
N MET A 90 -7.30 22.16 20.60
CA MET A 90 -7.97 22.04 21.89
C MET A 90 -8.03 23.37 22.65
N GLY A 91 -8.27 24.45 21.91
CA GLY A 91 -8.37 25.78 22.50
C GLY A 91 -7.05 26.43 22.88
N VAL A 92 -5.93 25.77 22.56
CA VAL A 92 -4.61 26.29 22.89
C VAL A 92 -3.95 26.90 21.67
N GLN A 93 -3.53 28.16 21.77
CA GLN A 93 -2.88 28.84 20.66
C GLN A 93 -1.52 28.21 20.34
N PRO A 94 -1.14 28.19 19.06
CA PRO A 94 0.09 27.52 18.65
C PRO A 94 1.35 28.14 19.25
N THR A 95 2.24 27.27 19.73
CA THR A 95 3.51 27.67 20.34
C THR A 95 4.67 27.60 19.33
N GLY A 96 4.57 26.69 18.37
CA GLY A 96 5.70 26.33 17.53
C GLY A 96 6.57 25.27 18.20
N GLN A 97 6.08 24.74 19.33
CA GLN A 97 6.78 23.69 20.07
C GLN A 97 6.71 22.38 19.31
N ARG A 98 7.76 21.58 19.41
CA ARG A 98 7.69 20.19 18.97
C ARG A 98 6.84 19.39 19.96
N VAL A 99 6.01 18.50 19.41
CA VAL A 99 5.12 17.68 20.21
C VAL A 99 5.18 16.25 19.71
N SER A 100 4.66 15.34 20.52
CA SER A 100 4.56 13.93 20.17
C SER A 100 3.36 13.28 20.84
N TRP A 101 2.90 12.19 20.23
CA TRP A 101 1.96 11.31 20.89
C TRP A 101 2.07 9.91 20.29
N HIS A 102 1.31 8.98 20.83
CA HIS A 102 1.46 7.57 20.51
C HIS A 102 0.10 6.98 20.33
N LEU A 103 -0.03 6.04 19.40
CA LEU A 103 -1.31 5.39 19.17
CA LEU A 103 -1.30 5.38 19.21
C LEU A 103 -1.13 4.00 18.59
N VAL A 104 -2.18 3.21 18.71
CA VAL A 104 -2.28 1.95 18.00
C VAL A 104 -3.53 2.04 17.14
N GLU A 105 -3.40 1.74 15.86
CA GLU A 105 -4.54 1.66 14.95
C GLU A 105 -4.72 0.21 14.57
N GLU A 106 -5.97 -0.26 14.60
CA GLU A 106 -6.28 -1.61 14.17
C GLU A 106 -7.30 -1.50 13.06
N LEU A 107 -7.08 -2.25 11.99
CA LEU A 107 -7.92 -2.18 10.79
CA LEU A 107 -7.93 -2.19 10.80
C LEU A 107 -8.34 -3.58 10.37
N ARG A 108 -9.60 -3.73 9.96
CA ARG A 108 -10.09 -4.98 9.39
C ARG A 108 -10.49 -4.72 7.94
N PHE A 109 -10.07 -5.62 7.05
CA PHE A 109 -10.27 -5.48 5.61
C PHE A 109 -11.30 -6.46 5.07
N VAL A 110 -12.07 -6.00 4.08
CA VAL A 110 -12.88 -6.86 3.23
C VAL A 110 -12.68 -6.38 1.79
N ASP A 111 -12.31 -7.30 0.90
CA ASP A 111 -12.08 -7.00 -0.51
C ASP A 111 -11.13 -5.81 -0.73
N GLY A 112 -10.08 -5.75 0.09
CA GLY A 112 -9.06 -4.71 -0.04
C GLY A 112 -9.42 -3.36 0.56
N LYS A 113 -10.60 -3.23 1.16
CA LYS A 113 -11.03 -1.97 1.74
C LYS A 113 -11.20 -2.14 3.25
N VAL A 114 -10.98 -1.05 3.99
CA VAL A 114 -11.11 -1.07 5.44
C VAL A 114 -12.60 -0.97 5.80
N VAL A 115 -13.10 -1.97 6.54
CA VAL A 115 -14.50 -1.98 6.99
C VAL A 115 -14.69 -1.67 8.48
N GLU A 116 -13.62 -1.83 9.25
CA GLU A 116 -13.61 -1.47 10.66
C GLU A 116 -12.27 -0.88 11.04
N HIS A 117 -12.31 0.13 11.90
CA HIS A 117 -11.13 0.85 12.33
CA HIS A 117 -11.12 0.84 12.35
C HIS A 117 -11.26 1.14 13.83
N TRP A 118 -10.29 0.65 14.61
CA TRP A 118 -10.25 0.91 16.06
C TRP A 118 -8.95 1.66 16.38
N ASP A 119 -9.04 2.66 17.25
CA ASP A 119 -7.82 3.34 17.71
C ASP A 119 -7.72 3.36 19.23
N VAL A 120 -6.49 3.34 19.72
CA VAL A 120 -6.19 3.62 21.11
C VAL A 120 -5.12 4.69 21.07
N ILE A 121 -5.46 5.89 21.51
CA ILE A 121 -4.58 7.03 21.36
C ILE A 121 -4.17 7.55 22.74
N ASN A 122 -2.85 7.58 22.95
CA ASN A 122 -2.25 8.18 24.12
C ASN A 122 -1.76 9.58 23.81
N MET A 123 -2.57 10.56 24.18
CA MET A 123 -2.23 11.96 23.98
CA MET A 123 -2.26 11.98 23.97
C MET A 123 -1.55 12.59 25.20
N ARG A 124 -1.25 11.78 26.21
CA ARG A 124 -0.64 12.33 27.43
C ARG A 124 0.51 13.32 27.17
N PRO A 125 1.52 12.95 26.35
CA PRO A 125 2.66 13.84 26.15
C PRO A 125 2.25 15.16 25.48
N LEU A 126 1.29 15.09 24.56
CA LEU A 126 0.78 16.28 23.90
C LEU A 126 0.00 17.15 24.88
N LEU A 127 -0.80 16.52 25.74
CA LEU A 127 -1.57 17.26 26.74
C LEU A 127 -0.66 18.03 27.69
N VAL A 128 0.49 17.44 28.02
CA VAL A 128 1.49 18.14 28.84
C VAL A 128 2.05 19.36 28.08
N ARG A 129 2.40 19.16 26.81
CA ARG A 129 2.95 20.24 25.98
C ARG A 129 1.97 21.40 25.79
N LEU A 130 0.69 21.07 25.72
CA LEU A 130 -0.35 22.08 25.58
C LEU A 130 -0.81 22.67 26.91
N GLY A 131 -0.22 22.20 28.01
CA GLY A 131 -0.51 22.76 29.34
C GLY A 131 -1.80 22.26 29.97
N LYS A 132 -2.36 21.19 29.42
CA LYS A 132 -3.61 20.61 29.95
C LYS A 132 -3.32 19.72 31.15
N LEU A 133 -2.11 19.17 31.20
CA LEU A 133 -1.63 18.41 32.34
C LEU A 133 -0.32 19.00 32.83
N PRO A 134 -0.03 18.88 34.14
CA PRO A 134 1.22 19.44 34.66
C PRO A 134 2.45 18.79 34.06
N ASP A 135 3.49 19.59 33.87
CA ASP A 135 4.78 19.09 33.39
C ASP A 135 5.69 18.85 34.61
N VAL A 136 5.71 17.61 35.07
CA VAL A 136 6.45 17.26 36.29
C VAL A 136 7.67 16.40 35.96
N PRO A 137 8.87 16.84 36.36
CA PRO A 137 10.06 16.02 36.12
C PRO A 137 10.03 14.64 36.78
N LYS A 138 10.67 13.67 36.15
CA LYS A 138 10.74 12.30 36.65
C LYS A 138 11.25 12.27 38.10
N VAL A 139 12.28 13.06 38.41
CA VAL A 139 12.84 13.05 39.77
C VAL A 139 11.82 13.53 40.81
N VAL A 140 10.95 14.45 40.40
CA VAL A 140 9.91 14.96 41.29
C VAL A 140 8.80 13.91 41.47
N LEU A 141 8.40 13.27 40.39
CA LEU A 141 7.50 12.10 40.48
C LEU A 141 8.07 11.03 41.40
N GLU A 142 9.37 10.75 41.28
CA GLU A 142 10.05 9.76 42.13
CA GLU A 142 10.05 9.78 42.13
C GLU A 142 9.96 10.17 43.60
N ALA A 143 10.27 11.43 43.88
CA ALA A 143 10.17 11.95 45.25
C ALA A 143 8.74 11.85 45.78
N SER A 144 7.74 12.15 44.96
CA SER A 144 6.33 12.03 45.37
C SER A 144 5.96 10.58 45.71
N ALA A 145 6.47 9.66 44.90
CA ALA A 145 6.26 8.23 45.13
C ALA A 145 6.92 7.76 46.42
N LYS A 146 8.15 8.21 46.68
CA LYS A 146 8.84 7.92 47.95
C LYS A 146 8.03 8.44 49.14
N LEU A 147 7.55 9.68 49.04
CA LEU A 147 6.74 10.26 50.10
C LEU A 147 5.45 9.46 50.34
N ALA A 148 4.70 9.18 49.28
CA ALA A 148 3.44 8.43 49.41
C ALA A 148 3.69 7.08 50.10
N ALA A 149 4.76 6.39 49.71
CA ALA A 149 5.15 5.12 50.34
C ALA A 149 5.47 5.28 51.81
N ALA A 150 6.16 6.37 52.14
CA ALA A 150 6.54 6.65 53.52
C ALA A 150 5.32 6.92 54.40
N LEU A 151 4.36 7.65 53.85
CA LEU A 151 3.11 7.94 54.58
C LEU A 151 2.28 6.67 54.78
N GLU A 152 2.17 5.85 53.74
CA GLU A 152 1.48 4.56 53.85
C GLU A 152 2.15 3.70 54.93
N HIS A 153 3.48 3.69 54.93
CA HIS A 153 4.23 2.91 55.91
C HIS A 153 3.95 3.34 57.34
N HIS A 154 3.92 4.65 57.59
CA HIS A 154 3.57 5.18 58.90
C HIS A 154 2.21 4.66 59.36
N HIS A 155 1.28 4.54 58.42
CA HIS A 155 -0.10 4.20 58.78
C HIS A 155 -0.28 2.74 59.18
N HIS A 156 0.69 1.90 58.87
CA HIS A 156 0.66 0.50 59.30
C HIS A 156 1.77 0.17 60.29
N HIS A 157 2.40 1.21 60.83
CA HIS A 157 3.46 1.03 61.83
C HIS A 157 2.89 1.15 63.24
N HIS A 158 3.33 0.27 64.13
CA HIS A 158 2.82 0.24 65.49
C HIS A 158 3.95 0.23 66.51
N SER B 2 4.06 -21.64 19.28
CA SER B 2 3.23 -21.16 18.15
C SER B 2 2.48 -19.90 18.51
N MET B 3 1.92 -19.23 17.51
CA MET B 3 1.07 -18.07 17.75
C MET B 3 -0.10 -18.43 18.67
N ALA B 4 -0.72 -19.58 18.42
CA ALA B 4 -1.86 -20.02 19.24
C ALA B 4 -1.46 -20.20 20.72
N GLU B 5 -0.28 -20.76 20.96
CA GLU B 5 0.22 -20.99 22.31
C GLU B 5 0.57 -19.69 23.00
N ARG B 6 1.23 -18.79 22.28
CA ARG B 6 1.58 -17.48 22.85
C ARG B 6 0.34 -16.66 23.18
N LYS B 7 -0.68 -16.72 22.32
CA LYS B 7 -1.96 -16.09 22.63
C LYS B 7 -2.56 -16.65 23.92
N ALA B 8 -2.55 -17.97 24.06
CA ALA B 8 -3.08 -18.63 25.26
C ALA B 8 -2.36 -18.16 26.52
N LEU B 9 -1.03 -18.05 26.45
CA LEU B 9 -0.24 -17.58 27.58
C LEU B 9 -0.59 -16.13 27.93
N CYS B 10 -0.79 -15.29 26.92
CA CYS B 10 -1.18 -13.90 27.17
C CYS B 10 -2.55 -13.82 27.85
N LEU B 11 -3.48 -14.67 27.42
CA LEU B 11 -4.82 -14.71 28.05
C LEU B 11 -4.76 -15.25 29.48
N GLU B 12 -3.78 -16.10 29.78
CA GLU B 12 -3.50 -16.47 31.18
C GLU B 12 -2.98 -15.31 32.01
N MET B 13 -2.17 -14.43 31.40
CA MET B 13 -1.70 -13.25 32.11
CA MET B 13 -1.69 -13.23 32.08
C MET B 13 -2.87 -12.30 32.38
N VAL B 14 -3.80 -12.21 31.43
CA VAL B 14 -5.02 -11.41 31.61
C VAL B 14 -5.85 -11.98 32.77
N ALA B 15 -5.99 -13.30 32.80
CA ALA B 15 -6.71 -13.99 33.88
C ALA B 15 -6.06 -13.72 35.22
N ALA B 16 -4.73 -13.66 35.26
CA ALA B 16 -4.00 -13.34 36.48
C ALA B 16 -4.36 -11.94 36.95
N TRP B 17 -4.36 -10.98 36.05
CA TRP B 17 -4.80 -9.61 36.38
C TRP B 17 -6.19 -9.62 36.99
N ASN B 18 -7.09 -10.37 36.36
CA ASN B 18 -8.50 -10.42 36.75
C ASN B 18 -8.73 -11.12 38.09
N ARG B 19 -7.77 -11.95 38.53
CA ARG B 19 -7.72 -12.50 39.90
C ARG B 19 -6.94 -11.62 40.88
N TRP B 20 -6.42 -10.48 40.40
CA TRP B 20 -5.55 -9.61 41.19
C TRP B 20 -4.30 -10.32 41.71
N ASP B 21 -3.73 -11.16 40.85
CA ASP B 21 -2.56 -11.95 41.15
C ASP B 21 -1.37 -11.48 40.32
N LEU B 22 -0.59 -10.56 40.86
CA LEU B 22 0.51 -9.96 40.11
C LEU B 22 1.63 -10.96 39.83
N SER B 23 1.85 -11.90 40.75
CA SER B 23 2.88 -12.92 40.56
CA SER B 23 2.86 -12.93 40.55
C SER B 23 2.56 -13.80 39.35
N GLY B 24 1.27 -13.99 39.06
CA GLY B 24 0.82 -14.77 37.91
C GLY B 24 1.07 -14.11 36.56
N ILE B 25 1.39 -12.82 36.60
CA ILE B 25 1.83 -12.09 35.42
C ILE B 25 3.37 -12.13 35.35
N ILE B 26 3.99 -11.72 36.45
CA ILE B 26 5.43 -11.53 36.51
C ILE B 26 6.20 -12.84 36.30
N LYS B 27 5.60 -13.97 36.68
CA LYS B 27 6.25 -15.26 36.50
C LYS B 27 6.55 -15.59 35.03
N HIS B 28 5.86 -14.94 34.09
CA HIS B 28 6.11 -15.15 32.66
C HIS B 28 7.21 -14.24 32.09
N TRP B 29 7.74 -13.33 32.89
CA TRP B 29 8.77 -12.40 32.43
C TRP B 29 10.12 -13.10 32.36
N SER B 30 10.87 -12.83 31.30
CA SER B 30 12.28 -13.17 31.26
C SER B 30 13.01 -12.32 32.31
N PRO B 31 14.07 -12.87 32.93
CA PRO B 31 14.87 -12.01 33.79
C PRO B 31 15.51 -10.84 33.02
N ASP B 32 15.62 -10.99 31.70
CA ASP B 32 16.20 -9.98 30.81
C ASP B 32 15.12 -9.12 30.13
N ILE B 33 13.90 -9.17 30.63
CA ILE B 33 12.79 -8.42 30.05
C ILE B 33 13.08 -6.91 30.01
N VAL B 34 12.67 -6.28 28.91
CA VAL B 34 12.71 -4.83 28.78
C VAL B 34 11.28 -4.33 28.56
N HIS B 35 10.90 -3.30 29.30
CA HIS B 35 9.59 -2.67 29.18
C HIS B 35 9.76 -1.32 28.51
N TYR B 36 8.83 -0.97 27.64
CA TYR B 36 8.84 0.33 26.97
C TYR B 36 7.47 0.98 27.07
N SER B 37 7.47 2.29 27.28
CA SER B 37 6.25 3.09 27.29
C SER B 37 6.61 4.48 26.75
N GLU B 38 5.86 4.96 25.77
CA GLU B 38 6.15 6.24 25.11
C GLU B 38 7.57 6.27 24.54
N ASP B 39 8.00 5.12 24.00
CA ASP B 39 9.31 4.96 23.37
C ASP B 39 10.50 5.18 24.32
N ASN B 40 10.25 5.02 25.63
CA ASN B 40 11.30 5.09 26.64
C ASN B 40 11.27 3.80 27.44
N GLU B 41 12.44 3.30 27.82
CA GLU B 41 12.52 2.10 28.65
CA GLU B 41 12.52 2.11 28.64
C GLU B 41 12.04 2.40 30.07
N VAL B 42 11.34 1.43 30.66
CA VAL B 42 10.87 1.51 32.03
C VAL B 42 11.48 0.32 32.75
N SER B 43 12.15 0.54 33.87
CA SER B 43 12.79 -0.57 34.58
C SER B 43 11.74 -1.54 35.11
N SER B 44 12.14 -2.80 35.26
CA SER B 44 11.25 -3.80 35.84
C SER B 44 10.81 -3.38 37.25
N ALA B 45 11.77 -2.91 38.05
CA ALA B 45 11.48 -2.40 39.38
C ALA B 45 10.36 -1.35 39.35
N ASP B 46 10.46 -0.40 38.42
CA ASP B 46 9.44 0.63 38.26
C ASP B 46 8.12 0.10 37.74
N MET B 47 8.18 -0.86 36.81
CA MET B 47 6.97 -1.48 36.29
C MET B 47 6.19 -2.18 37.41
N VAL B 48 6.89 -2.94 38.24
CA VAL B 48 6.25 -3.63 39.36
C VAL B 48 5.62 -2.60 40.31
N LYS B 49 6.32 -1.49 40.57
CA LYS B 49 5.76 -0.41 41.41
C LYS B 49 4.44 0.10 40.85
N LEU B 50 4.38 0.28 39.53
CA LEU B 50 3.17 0.78 38.86
C LEU B 50 2.04 -0.23 38.91
N MET B 51 2.38 -1.51 38.77
CA MET B 51 1.41 -2.58 38.88
C MET B 51 0.84 -2.64 40.29
N GLU B 52 1.71 -2.68 41.29
CA GLU B 52 1.28 -2.73 42.70
C GLU B 52 0.45 -1.49 43.04
N GLY B 53 0.95 -0.32 42.64
CA GLY B 53 0.26 0.95 42.87
C GLY B 53 -1.12 1.02 42.25
N GLY B 54 -1.21 0.61 40.98
CA GLY B 54 -2.48 0.58 40.27
C GLY B 54 -3.49 -0.36 40.90
N LEU B 55 -3.03 -1.52 41.34
CA LEU B 55 -3.89 -2.50 42.00
C LEU B 55 -4.41 -1.94 43.31
N LYS B 56 -3.57 -1.20 44.03
CA LYS B 56 -3.98 -0.60 45.30
C LYS B 56 -5.04 0.48 45.08
N ALA B 57 -4.84 1.34 44.07
CA ALA B 57 -5.80 2.41 43.76
C ALA B 57 -7.11 1.84 43.19
N PHE B 58 -7.01 0.75 42.43
CA PHE B 58 -8.16 0.16 41.74
C PHE B 58 -8.22 -1.36 42.02
N PRO B 59 -8.59 -1.73 43.27
CA PRO B 59 -8.51 -3.12 43.74
C PRO B 59 -9.50 -4.11 43.14
N ASP B 60 -10.51 -3.61 42.42
CA ASP B 60 -11.51 -4.46 41.78
C ASP B 60 -11.40 -4.41 40.25
N LEU B 61 -10.27 -3.91 39.75
CA LEU B 61 -10.10 -3.73 38.30
C LEU B 61 -10.29 -5.03 37.53
N GLN B 62 -10.86 -4.91 36.34
CA GLN B 62 -11.08 -6.04 35.46
C GLN B 62 -10.69 -5.64 34.05
N LEU B 63 -10.05 -6.57 33.35
CA LEU B 63 -9.61 -6.39 31.97
C LEU B 63 -10.55 -7.13 31.02
N GLU B 64 -11.03 -6.43 30.01
CA GLU B 64 -11.77 -7.06 28.93
C GLU B 64 -10.91 -6.99 27.68
N VAL B 65 -10.61 -8.15 27.10
CA VAL B 65 -9.83 -8.21 25.88
C VAL B 65 -10.77 -7.98 24.71
N LYS B 66 -10.59 -6.85 24.03
CA LYS B 66 -11.42 -6.49 22.88
C LYS B 66 -10.91 -7.13 21.61
N SER B 67 -9.59 -7.30 21.53
CA SER B 67 -8.98 -7.97 20.38
CA SER B 67 -8.96 -7.92 20.37
C SER B 67 -7.62 -8.53 20.77
N ILE B 68 -7.24 -9.61 20.11
CA ILE B 68 -5.93 -10.20 20.30
C ILE B 68 -5.39 -10.57 18.92
N MET B 69 -4.10 -10.36 18.73
CA MET B 69 -3.47 -10.60 17.46
C MET B 69 -2.10 -11.17 17.72
N ALA B 70 -1.65 -12.05 16.84
CA ALA B 70 -0.31 -12.61 16.95
C ALA B 70 0.32 -12.76 15.58
N GLU B 71 1.64 -12.51 15.53
CA GLU B 71 2.44 -12.73 14.32
C GLU B 71 3.88 -12.95 14.78
N GLU B 72 4.59 -13.84 14.09
CA GLU B 72 5.95 -14.17 14.48
CA GLU B 72 5.92 -14.27 14.48
C GLU B 72 5.97 -14.51 15.98
N ASP B 73 6.86 -13.84 16.73
CA ASP B 73 7.03 -14.08 18.16
C ASP B 73 6.31 -13.07 19.06
N ARG B 74 5.38 -12.31 18.48
CA ARG B 74 4.69 -11.25 19.19
C ARG B 74 3.19 -11.48 19.32
N VAL B 75 2.62 -10.89 20.35
CA VAL B 75 1.19 -10.88 20.56
C VAL B 75 0.81 -9.47 20.97
N ALA B 76 -0.34 -8.99 20.49
CA ALA B 76 -0.87 -7.69 20.90
C ALA B 76 -2.31 -7.85 21.35
N LEU B 77 -2.65 -7.17 22.44
CA LEU B 77 -3.98 -7.23 23.04
C LEU B 77 -4.49 -5.81 23.22
N ARG B 78 -5.68 -5.55 22.70
CA ARG B 78 -6.39 -4.29 22.93
C ARG B 78 -7.37 -4.56 24.06
N ILE B 79 -7.19 -3.82 25.16
CA ILE B 79 -7.83 -4.13 26.42
C ILE B 79 -8.57 -2.91 26.96
N THR B 80 -9.78 -3.13 27.46
CA THR B 80 -10.50 -2.11 28.23
C THR B 80 -10.51 -2.52 29.70
N VAL B 81 -10.10 -1.58 30.55
CA VAL B 81 -10.07 -1.79 31.99
C VAL B 81 -11.22 -1.02 32.62
N THR B 82 -11.91 -1.66 33.55
CA THR B 82 -12.94 -1.02 34.35
C THR B 82 -12.65 -1.30 35.82
N ALA B 83 -12.94 -0.33 36.68
CA ALA B 83 -12.68 -0.47 38.12
C ALA B 83 -13.43 0.57 38.93
N THR B 84 -13.27 0.50 40.25
CA THR B 84 -13.74 1.55 41.16
C THR B 84 -12.52 2.25 41.74
N HIS B 85 -12.62 3.57 41.92
CA HIS B 85 -11.51 4.34 42.51
C HIS B 85 -11.56 4.24 44.04
N GLN B 86 -10.69 3.39 44.58
CA GLN B 86 -10.74 2.98 45.99
C GLN B 86 -9.53 3.48 46.80
N GLY B 87 -8.44 3.84 46.11
CA GLY B 87 -7.23 4.34 46.77
C GLY B 87 -6.64 5.54 46.07
N GLU B 88 -5.86 6.33 46.81
CA GLU B 88 -5.25 7.54 46.27
CA GLU B 88 -5.24 7.54 46.28
C GLU B 88 -4.50 7.24 44.96
N PHE B 89 -4.81 8.01 43.92
CA PHE B 89 -4.19 7.83 42.61
C PHE B 89 -3.93 9.20 41.98
N MET B 90 -2.69 9.42 41.56
CA MET B 90 -2.25 10.71 41.01
C MET B 90 -2.63 11.89 41.91
N GLY B 91 -2.53 11.69 43.22
CA GLY B 91 -2.83 12.74 44.20
C GLY B 91 -4.30 12.97 44.49
N VAL B 92 -5.18 12.26 43.80
CA VAL B 92 -6.63 12.41 43.98
C VAL B 92 -7.11 11.36 44.96
N GLN B 93 -7.77 11.80 46.02
CA GLN B 93 -8.34 10.89 47.02
C GLN B 93 -9.48 10.06 46.41
N PRO B 94 -9.63 8.81 46.89
CA PRO B 94 -10.63 7.90 46.34
C PRO B 94 -12.06 8.38 46.52
N THR B 95 -12.92 8.05 45.56
CA THR B 95 -14.32 8.52 45.56
C THR B 95 -15.35 7.40 45.38
N GLY B 96 -14.90 6.18 45.12
CA GLY B 96 -15.82 5.07 44.87
C GLY B 96 -16.49 5.11 43.49
N GLN B 97 -16.11 6.05 42.65
CA GLN B 97 -16.72 6.17 41.33
C GLN B 97 -16.13 5.13 40.39
N ARG B 98 -16.96 4.64 39.47
CA ARG B 98 -16.50 3.73 38.44
C ARG B 98 -15.67 4.48 37.42
N VAL B 99 -14.56 3.86 37.02
CA VAL B 99 -13.64 4.43 36.05
C VAL B 99 -13.32 3.40 34.99
N SER B 100 -12.79 3.88 33.87
CA SER B 100 -12.35 3.01 32.80
C SER B 100 -11.22 3.65 32.02
N TRP B 101 -10.45 2.82 31.34
CA TRP B 101 -9.45 3.29 30.41
C TRP B 101 -9.14 2.20 29.40
N HIS B 102 -8.30 2.51 28.44
CA HIS B 102 -8.04 1.62 27.32
C HIS B 102 -6.54 1.55 27.06
N LEU B 103 -6.09 0.39 26.62
CA LEU B 103 -4.68 0.23 26.27
CA LEU B 103 -4.67 0.21 26.30
C LEU B 103 -4.47 -0.90 25.28
N VAL B 104 -3.29 -0.88 24.67
CA VAL B 104 -2.82 -1.99 23.87
C VAL B 104 -1.49 -2.41 24.48
N GLU B 105 -1.37 -3.69 24.77
CA GLU B 105 -0.12 -4.26 25.25
C GLU B 105 0.44 -5.12 24.13
N GLU B 106 1.73 -4.97 23.87
CA GLU B 106 2.41 -5.80 22.88
C GLU B 106 3.55 -6.53 23.57
N LEU B 107 3.64 -7.83 23.35
CA LEU B 107 4.63 -8.67 24.00
CA LEU B 107 4.62 -8.69 24.01
C LEU B 107 5.43 -9.47 22.97
N ARG B 108 6.73 -9.60 23.19
CA ARG B 108 7.55 -10.48 22.38
C ARG B 108 8.11 -11.58 23.28
N PHE B 109 8.08 -12.82 22.78
CA PHE B 109 8.47 -14.01 23.54
C PHE B 109 9.76 -14.63 23.04
N VAL B 110 10.56 -15.16 23.96
CA VAL B 110 11.64 -16.07 23.64
C VAL B 110 11.59 -17.21 24.64
N ASP B 111 11.58 -18.45 24.16
CA ASP B 111 11.55 -19.64 25.02
C ASP B 111 10.41 -19.58 26.03
N GLY B 112 9.24 -19.13 25.58
CA GLY B 112 8.03 -19.11 26.42
C GLY B 112 7.97 -17.99 27.44
N LYS B 113 8.95 -17.09 27.41
CA LYS B 113 9.03 -15.99 28.38
C LYS B 113 9.00 -14.65 27.66
N VAL B 114 8.41 -13.63 28.30
CA VAL B 114 8.31 -12.29 27.72
C VAL B 114 9.64 -11.57 27.87
N VAL B 115 10.23 -11.19 26.73
CA VAL B 115 11.50 -10.50 26.70
C VAL B 115 11.38 -9.01 26.39
N GLU B 116 10.28 -8.61 25.74
CA GLU B 116 10.00 -7.21 25.47
C GLU B 116 8.51 -6.97 25.65
N HIS B 117 8.19 -5.81 26.21
N HIS B 117 8.19 -5.83 26.23
CA HIS B 117 6.81 -5.44 26.50
CA HIS B 117 6.81 -5.44 26.48
C HIS B 117 6.62 -3.95 26.20
C HIS B 117 6.65 -3.96 26.16
N TRP B 118 5.69 -3.65 25.29
CA TRP B 118 5.39 -2.29 24.89
C TRP B 118 3.94 -2.00 25.25
N ASP B 119 3.66 -0.82 25.77
CA ASP B 119 2.27 -0.43 26.02
C ASP B 119 1.98 0.92 25.39
N VAL B 120 0.72 1.09 25.02
CA VAL B 120 0.17 2.38 24.62
C VAL B 120 -1.11 2.51 25.42
N ILE B 121 -1.12 3.45 26.36
CA ILE B 121 -2.21 3.55 27.32
C ILE B 121 -2.94 4.88 27.16
N ASN B 122 -4.25 4.77 26.94
CA ASN B 122 -5.12 5.93 26.87
C ASN B 122 -5.88 6.09 28.19
N MET B 123 -5.41 7.00 29.04
CA MET B 123 -6.06 7.24 30.32
CA MET B 123 -6.02 7.28 30.34
C MET B 123 -6.95 8.48 30.29
N ARG B 124 -7.23 8.98 29.07
CA ARG B 124 -8.09 10.16 28.95
C ARG B 124 -9.38 10.07 29.77
N PRO B 125 -10.14 8.95 29.63
CA PRO B 125 -11.40 8.86 30.38
C PRO B 125 -11.21 8.90 31.90
N LEU B 126 -10.14 8.28 32.38
CA LEU B 126 -9.82 8.29 33.81
C LEU B 126 -9.38 9.68 34.26
N LEU B 127 -8.51 10.32 33.49
CA LEU B 127 -8.06 11.68 33.82
C LEU B 127 -9.26 12.62 33.94
N VAL B 128 -10.26 12.44 33.07
CA VAL B 128 -11.50 13.22 33.13
C VAL B 128 -12.26 12.95 34.43
N ARG B 129 -12.47 11.68 34.76
CA ARG B 129 -13.17 11.29 35.99
C ARG B 129 -12.46 11.78 37.26
N LEU B 130 -11.13 11.83 37.22
CA LEU B 130 -10.35 12.31 38.38
C LEU B 130 -10.16 13.83 38.40
N GLY B 131 -10.82 14.55 37.48
CA GLY B 131 -10.77 16.01 37.46
C GLY B 131 -9.47 16.60 36.94
N LYS B 132 -8.67 15.79 36.25
CA LYS B 132 -7.40 16.24 35.69
C LYS B 132 -7.63 16.94 34.34
N LEU B 133 -8.65 16.49 33.62
CA LEU B 133 -9.06 17.11 32.37
C LEU B 133 -10.56 17.44 32.45
N PRO B 134 -11.00 18.43 31.66
CA PRO B 134 -12.42 18.84 31.72
C PRO B 134 -13.38 17.79 31.14
N SER C 2 -17.23 -19.56 -18.72
CA SER C 2 -16.30 -19.29 -17.59
C SER C 2 -15.02 -18.63 -18.08
N MET C 3 -14.19 -18.18 -17.15
CA MET C 3 -12.88 -17.67 -17.51
C MET C 3 -12.06 -18.70 -18.27
N ALA C 4 -12.06 -19.95 -17.79
CA ALA C 4 -11.29 -21.00 -18.44
C ALA C 4 -11.74 -21.24 -19.89
N GLU C 5 -13.05 -21.24 -20.11
CA GLU C 5 -13.59 -21.44 -21.46
C GLU C 5 -13.27 -20.27 -22.39
N ARG C 6 -13.36 -19.05 -21.86
CA ARG C 6 -13.03 -17.86 -22.67
C ARG C 6 -11.53 -17.83 -23.02
N LYS C 7 -10.68 -18.23 -22.09
CA LYS C 7 -9.25 -18.37 -22.38
C LYS C 7 -9.02 -19.40 -23.49
N ALA C 8 -9.67 -20.55 -23.40
CA ALA C 8 -9.57 -21.58 -24.42
C ALA C 8 -9.99 -21.04 -25.80
N LEU C 9 -11.08 -20.30 -25.85
CA LEU C 9 -11.54 -19.72 -27.10
C LEU C 9 -10.52 -18.74 -27.68
N CYS C 10 -9.93 -17.89 -26.85
CA CYS C 10 -8.89 -16.97 -27.31
C CYS C 10 -7.67 -17.72 -27.86
N LEU C 11 -7.31 -18.82 -27.21
CA LEU C 11 -6.20 -19.63 -27.71
C LEU C 11 -6.52 -20.31 -29.04
N GLU C 12 -7.79 -20.60 -29.31
CA GLU C 12 -8.20 -21.09 -30.64
C GLU C 12 -8.05 -20.01 -31.71
N MET C 13 -8.29 -18.76 -31.33
CA MET C 13 -8.09 -17.63 -32.24
C MET C 13 -6.60 -17.45 -32.53
N VAL C 14 -5.77 -17.62 -31.52
CA VAL C 14 -4.31 -17.61 -31.70
C VAL C 14 -3.89 -18.74 -32.65
N ALA C 15 -4.43 -19.95 -32.43
CA ALA C 15 -4.17 -21.08 -33.33
C ALA C 15 -4.57 -20.76 -34.76
N ALA C 16 -5.70 -20.08 -34.94
CA ALA C 16 -6.16 -19.67 -36.27
C ALA C 16 -5.14 -18.75 -36.94
N TRP C 17 -4.66 -17.75 -36.20
CA TRP C 17 -3.56 -16.89 -36.69
C TRP C 17 -2.36 -17.71 -37.15
N ASN C 18 -1.99 -18.70 -36.35
CA ASN C 18 -0.80 -19.53 -36.63
C ASN C 18 -0.95 -20.50 -37.81
N ARG C 19 -2.20 -20.73 -38.22
CA ARG C 19 -2.54 -21.42 -39.48
C ARG C 19 -2.76 -20.45 -40.63
N TRP C 20 -2.65 -19.15 -40.36
CA TRP C 20 -2.91 -18.09 -41.34
C TRP C 20 -4.35 -18.13 -41.87
N ASP C 21 -5.27 -18.41 -40.95
CA ASP C 21 -6.69 -18.59 -41.27
C ASP C 21 -7.51 -17.49 -40.60
N LEU C 22 -7.72 -16.39 -41.34
CA LEU C 22 -8.42 -15.23 -40.78
C LEU C 22 -9.88 -15.53 -40.46
N SER C 23 -10.50 -16.41 -41.24
CA SER C 23 -11.90 -16.81 -40.98
CA SER C 23 -11.90 -16.80 -40.98
C SER C 23 -12.04 -17.44 -39.60
N GLY C 24 -10.98 -18.11 -39.15
CA GLY C 24 -10.96 -18.77 -37.85
C GLY C 24 -10.85 -17.84 -36.67
N ILE C 25 -10.50 -16.58 -36.92
CA ILE C 25 -10.53 -15.53 -35.92
C ILE C 25 -11.88 -14.83 -35.97
N ILE C 26 -12.26 -14.39 -37.17
CA ILE C 26 -13.42 -13.55 -37.39
C ILE C 26 -14.72 -14.29 -37.05
N LYS C 27 -14.72 -15.63 -37.16
CA LYS C 27 -15.91 -16.41 -36.80
C LYS C 27 -16.35 -16.20 -35.35
N HIS C 28 -15.42 -15.78 -34.49
CA HIS C 28 -15.72 -15.56 -33.06
C HIS C 28 -16.14 -14.13 -32.73
N TRP C 29 -16.18 -13.26 -33.75
CA TRP C 29 -16.59 -11.87 -33.57
C TRP C 29 -18.10 -11.77 -33.54
N SER C 30 -18.62 -10.96 -32.62
CA SER C 30 -20.02 -10.58 -32.66
C SER C 30 -20.25 -9.71 -33.90
N PRO C 31 -21.46 -9.77 -34.49
CA PRO C 31 -21.81 -8.78 -35.52
C PRO C 31 -21.71 -7.33 -35.03
N ASP C 32 -21.82 -7.14 -33.71
CA ASP C 32 -21.79 -5.82 -33.11
C ASP C 32 -20.45 -5.51 -32.45
N ILE C 33 -19.40 -6.23 -32.85
CA ILE C 33 -18.07 -6.03 -32.29
C ILE C 33 -17.58 -4.60 -32.54
N VAL C 34 -16.94 -4.03 -31.52
CA VAL C 34 -16.24 -2.76 -31.64
C VAL C 34 -14.76 -2.97 -31.34
N HIS C 35 -13.91 -2.45 -32.24
CA HIS C 35 -12.46 -2.54 -32.09
C HIS C 35 -11.90 -1.18 -31.69
N TYR C 36 -10.95 -1.20 -30.75
CA TYR C 36 -10.27 0.02 -30.31
C TYR C 36 -8.77 -0.12 -30.40
N SER C 37 -8.12 0.95 -30.81
CA SER C 37 -6.67 1.03 -30.83
C SER C 37 -6.29 2.48 -30.58
N GLU C 38 -5.39 2.70 -29.62
CA GLU C 38 -4.94 4.05 -29.24
C GLU C 38 -6.12 4.93 -28.78
N ASP C 39 -7.08 4.26 -28.14
CA ASP C 39 -8.30 4.87 -27.59
C ASP C 39 -9.25 5.45 -28.65
N ASN C 40 -9.10 5.00 -29.89
CA ASN C 40 -10.00 5.37 -30.98
C ASN C 40 -10.60 4.11 -31.57
N GLU C 41 -11.86 4.18 -31.99
CA GLU C 41 -12.50 3.05 -32.62
CA GLU C 41 -12.51 3.04 -32.64
C GLU C 41 -11.94 2.81 -34.03
N VAL C 42 -11.79 1.54 -34.39
CA VAL C 42 -11.33 1.13 -35.71
C VAL C 42 -12.44 0.26 -36.31
N SER C 43 -12.89 0.58 -37.53
CA SER C 43 -13.98 -0.19 -38.13
C SER C 43 -13.56 -1.62 -38.39
N SER C 44 -14.53 -2.55 -38.39
CA SER C 44 -14.24 -3.94 -38.68
C SER C 44 -13.65 -4.12 -40.08
N ALA C 45 -14.12 -3.31 -41.03
CA ALA C 45 -13.57 -3.31 -42.38
C ALA C 45 -12.08 -2.94 -42.38
N ASP C 46 -11.74 -1.89 -41.64
CA ASP C 46 -10.35 -1.44 -41.55
C ASP C 46 -9.50 -2.47 -40.81
N MET C 47 -10.08 -3.11 -39.78
CA MET C 47 -9.38 -4.14 -39.03
C MET C 47 -9.04 -5.32 -39.93
N VAL C 48 -10.00 -5.78 -40.71
CA VAL C 48 -9.76 -6.91 -41.60
C VAL C 48 -8.70 -6.55 -42.64
N LYS C 49 -8.72 -5.32 -43.13
CA LYS C 49 -7.71 -4.87 -44.11
C LYS C 49 -6.31 -4.92 -43.52
N LEU C 50 -6.18 -4.50 -42.26
CA LEU C 50 -4.91 -4.55 -41.54
C LEU C 50 -4.46 -5.99 -41.33
N MET C 51 -5.42 -6.87 -41.02
CA MET C 51 -5.10 -8.27 -40.82
C MET C 51 -4.62 -8.90 -42.12
N GLU C 52 -5.32 -8.65 -43.22
CA GLU C 52 -4.94 -9.17 -44.53
C GLU C 52 -3.59 -8.59 -44.99
N GLY C 53 -3.40 -7.30 -44.77
CA GLY C 53 -2.17 -6.63 -45.19
C GLY C 53 -0.95 -7.14 -44.43
N GLY C 54 -1.13 -7.39 -43.13
CA GLY C 54 -0.08 -7.96 -42.30
C GLY C 54 0.32 -9.35 -42.76
N LEU C 55 -0.69 -10.18 -43.06
CA LEU C 55 -0.45 -11.51 -43.58
C LEU C 55 0.31 -11.50 -44.89
N LYS C 56 0.01 -10.52 -45.75
CA LYS C 56 0.68 -10.41 -47.04
C LYS C 56 2.15 -10.00 -46.86
N ALA C 57 2.41 -9.05 -45.96
CA ALA C 57 3.79 -8.60 -45.70
C ALA C 57 4.61 -9.64 -44.96
N PHE C 58 3.96 -10.36 -44.05
CA PHE C 58 4.59 -11.31 -43.13
C PHE C 58 3.85 -12.66 -43.19
N PRO C 59 3.97 -13.37 -44.32
CA PRO C 59 3.15 -14.57 -44.60
C PRO C 59 3.51 -15.81 -43.77
N ASP C 60 4.63 -15.77 -43.08
CA ASP C 60 5.05 -16.87 -42.21
C ASP C 60 4.92 -16.48 -40.73
N LEU C 61 4.17 -15.43 -40.44
CA LEU C 61 4.11 -14.93 -39.07
C LEU C 61 3.62 -15.99 -38.09
N GLN C 62 4.13 -15.94 -36.88
CA GLN C 62 3.68 -16.83 -35.81
C GLN C 62 3.51 -16.02 -34.54
N LEU C 63 2.49 -16.36 -33.77
CA LEU C 63 2.18 -15.73 -32.49
C LEU C 63 2.59 -16.66 -31.35
N GLU C 64 3.34 -16.12 -30.39
CA GLU C 64 3.66 -16.84 -29.16
C GLU C 64 2.95 -16.13 -28.03
N VAL C 65 2.10 -16.85 -27.29
CA VAL C 65 1.42 -16.27 -26.13
C VAL C 65 2.39 -16.29 -24.95
N LYS C 66 2.77 -15.10 -24.49
CA LYS C 66 3.67 -14.96 -23.34
C LYS C 66 2.92 -15.02 -22.02
N SER C 67 1.72 -14.49 -22.01
CA SER C 67 0.86 -14.58 -20.84
C SER C 67 -0.59 -14.45 -21.26
N ILE C 68 -1.46 -15.05 -20.47
CA ILE C 68 -2.91 -14.95 -20.67
C ILE C 68 -3.55 -14.78 -19.30
N MET C 69 -4.53 -13.89 -19.24
CA MET C 69 -5.19 -13.56 -18.01
C MET C 69 -6.67 -13.37 -18.30
N ALA C 70 -7.51 -13.73 -17.34
CA ALA C 70 -8.95 -13.55 -17.50
C ALA C 70 -9.57 -13.10 -16.20
N GLU C 71 -10.58 -12.25 -16.33
CA GLU C 71 -11.36 -11.78 -15.21
C GLU C 71 -12.71 -11.33 -15.73
N GLU C 72 -13.76 -11.66 -14.99
CA GLU C 72 -15.12 -11.36 -15.42
CA GLU C 72 -15.14 -11.42 -15.40
C GLU C 72 -15.33 -11.88 -16.85
N ASP C 73 -15.75 -11.01 -17.76
CA ASP C 73 -16.04 -11.39 -19.14
C ASP C 73 -14.89 -11.07 -20.09
N ARG C 74 -13.72 -10.77 -19.54
CA ARG C 74 -12.58 -10.34 -20.34
C ARG C 74 -11.42 -11.32 -20.31
N VAL C 75 -10.63 -11.28 -21.39
CA VAL C 75 -9.37 -12.01 -21.46
C VAL C 75 -8.33 -11.07 -22.06
N ALA C 76 -7.13 -11.12 -21.54
CA ALA C 76 -6.01 -10.36 -22.09
C ALA C 76 -4.86 -11.30 -22.41
N LEU C 77 -4.28 -11.16 -23.60
CA LEU C 77 -3.15 -11.97 -24.03
C LEU C 77 -1.97 -11.08 -24.40
N ARG C 78 -0.80 -11.36 -23.82
CA ARG C 78 0.46 -10.70 -24.20
C ARG C 78 1.13 -11.64 -25.20
N ILE C 79 1.35 -11.15 -26.42
CA ILE C 79 1.74 -11.96 -27.56
C ILE C 79 2.99 -11.38 -28.20
N THR C 80 3.92 -12.26 -28.59
CA THR C 80 5.07 -11.88 -29.41
C THR C 80 4.89 -12.47 -30.80
N VAL C 81 4.99 -11.61 -31.80
CA VAL C 81 4.89 -12.04 -33.19
C VAL C 81 6.28 -12.07 -33.78
N THR C 82 6.59 -13.14 -34.51
CA THR C 82 7.83 -13.25 -35.24
C THR C 82 7.50 -13.65 -36.67
N ALA C 83 8.28 -13.14 -37.62
CA ALA C 83 8.07 -13.41 -39.02
C ALA C 83 9.31 -13.03 -39.83
N THR C 84 9.21 -13.19 -41.14
CA THR C 84 10.22 -12.62 -42.05
C THR C 84 9.51 -11.65 -42.98
N HIS C 85 10.26 -10.63 -43.39
CA HIS C 85 9.71 -9.53 -44.16
C HIS C 85 9.73 -9.91 -45.63
N GLN C 86 8.58 -10.38 -46.11
CA GLN C 86 8.46 -10.92 -47.48
C GLN C 86 7.70 -10.02 -48.45
N GLY C 87 6.81 -9.18 -47.92
CA GLY C 87 6.06 -8.23 -48.74
C GLY C 87 6.26 -6.80 -48.29
N GLU C 88 6.10 -5.84 -49.21
CA GLU C 88 6.26 -4.43 -48.87
C GLU C 88 5.41 -4.08 -47.65
N PHE C 89 5.99 -3.30 -46.73
CA PHE C 89 5.29 -2.91 -45.50
C PHE C 89 5.73 -1.53 -45.08
N MET C 90 4.75 -0.66 -44.82
CA MET C 90 5.01 0.76 -44.53
C MET C 90 5.96 1.40 -45.53
N GLY C 91 5.79 1.08 -46.81
CA GLY C 91 6.63 1.61 -47.87
C GLY C 91 8.08 1.12 -47.89
N VAL C 92 8.39 0.09 -47.10
CA VAL C 92 9.73 -0.49 -47.08
C VAL C 92 9.69 -1.82 -47.85
N GLN C 93 10.60 -1.96 -48.82
CA GLN C 93 10.63 -3.15 -49.67
C GLN C 93 11.15 -4.35 -48.88
N PRO C 94 10.66 -5.56 -49.20
CA PRO C 94 11.03 -6.72 -48.39
C PRO C 94 12.49 -7.14 -48.56
N THR C 95 13.08 -7.62 -47.47
CA THR C 95 14.46 -8.10 -47.45
C THR C 95 14.56 -9.55 -46.99
N GLY C 96 13.44 -10.14 -46.57
CA GLY C 96 13.43 -11.51 -46.06
C GLY C 96 14.00 -11.63 -44.66
N GLN C 97 14.36 -10.51 -44.02
CA GLN C 97 14.96 -10.60 -42.69
C GLN C 97 13.93 -10.96 -41.63
N ARG C 98 14.40 -11.57 -40.55
CA ARG C 98 13.55 -11.88 -39.42
C ARG C 98 13.18 -10.60 -38.67
N VAL C 99 11.91 -10.49 -38.30
CA VAL C 99 11.40 -9.36 -37.55
C VAL C 99 10.50 -9.85 -36.42
N SER C 100 10.20 -8.94 -35.49
CA SER C 100 9.31 -9.26 -34.39
C SER C 100 8.62 -8.00 -33.91
N TRP C 101 7.51 -8.20 -33.22
CA TRP C 101 6.86 -7.13 -32.48
C TRP C 101 6.04 -7.73 -31.34
N HIS C 102 5.50 -6.85 -30.50
CA HIS C 102 4.86 -7.28 -29.29
C HIS C 102 3.53 -6.56 -29.15
N LEU C 103 2.54 -7.25 -28.59
CA LEU C 103 1.26 -6.62 -28.37
CA LEU C 103 1.24 -6.64 -28.41
C LEU C 103 0.50 -7.26 -27.23
N VAL C 104 -0.49 -6.53 -26.74
CA VAL C 104 -1.45 -7.09 -25.79
C VAL C 104 -2.81 -6.90 -26.44
N GLU C 105 -3.56 -8.00 -26.54
CA GLU C 105 -4.94 -7.97 -27.03
CA GLU C 105 -4.93 -8.01 -27.04
C GLU C 105 -5.84 -8.23 -25.84
N GLU C 106 -6.88 -7.41 -25.70
CA GLU C 106 -7.85 -7.56 -24.64
C GLU C 106 -9.21 -7.74 -25.32
N LEU C 107 -9.95 -8.77 -24.88
CA LEU C 107 -11.22 -9.15 -25.52
CA LEU C 107 -11.21 -9.14 -25.52
C LEU C 107 -12.29 -9.24 -24.44
N ARG C 108 -13.49 -8.75 -24.77
CA ARG C 108 -14.65 -8.92 -23.91
C ARG C 108 -15.69 -9.76 -24.65
N PHE C 109 -16.27 -10.74 -23.95
CA PHE C 109 -17.22 -11.69 -24.53
C PHE C 109 -18.64 -11.48 -24.06
N VAL C 110 -19.60 -11.69 -24.97
CA VAL C 110 -21.00 -11.87 -24.63
C VAL C 110 -21.49 -13.08 -25.41
N ASP C 111 -22.09 -14.05 -24.72
CA ASP C 111 -22.65 -15.25 -25.35
C ASP C 111 -21.64 -15.95 -26.27
N GLY C 112 -20.39 -16.04 -25.81
CA GLY C 112 -19.35 -16.76 -26.52
C GLY C 112 -18.71 -16.01 -27.68
N LYS C 113 -19.16 -14.78 -27.93
CA LYS C 113 -18.69 -13.97 -29.04
C LYS C 113 -17.97 -12.73 -28.54
N VAL C 114 -16.96 -12.30 -29.28
CA VAL C 114 -16.18 -11.13 -28.92
C VAL C 114 -16.99 -9.88 -29.29
N VAL C 115 -17.29 -9.05 -28.30
CA VAL C 115 -18.03 -7.80 -28.53
C VAL C 115 -17.17 -6.53 -28.46
N GLU C 116 -16.05 -6.59 -27.75
CA GLU C 116 -15.09 -5.49 -27.73
C GLU C 116 -13.70 -6.06 -27.80
N HIS C 117 -12.83 -5.35 -28.52
CA HIS C 117 -11.45 -5.76 -28.74
CA HIS C 117 -11.44 -5.76 -28.71
C HIS C 117 -10.57 -4.52 -28.64
N TRP C 118 -9.61 -4.53 -27.71
CA TRP C 118 -8.64 -3.45 -27.54
C TRP C 118 -7.25 -4.00 -27.79
N ASP C 119 -6.43 -3.23 -28.51
CA ASP C 119 -5.03 -3.63 -28.67
C ASP C 119 -4.08 -2.53 -28.20
N VAL C 120 -2.91 -2.97 -27.75
CA VAL C 120 -1.75 -2.09 -27.53
C VAL C 120 -0.61 -2.79 -28.23
N ILE C 121 -0.09 -2.17 -29.29
CA ILE C 121 0.89 -2.81 -30.15
C ILE C 121 2.19 -2.03 -30.15
N ASN C 122 3.27 -2.69 -29.75
CA ASN C 122 4.61 -2.12 -29.82
C ASN C 122 5.37 -2.65 -31.03
N MET C 123 5.48 -1.81 -32.06
CA MET C 123 6.17 -2.12 -33.30
CA MET C 123 6.21 -2.23 -33.27
C MET C 123 7.62 -1.65 -33.32
N ARG C 124 8.09 -1.11 -32.19
CA ARG C 124 9.45 -0.55 -32.15
C ARG C 124 10.52 -1.48 -32.76
N PRO C 125 10.57 -2.77 -32.34
CA PRO C 125 11.62 -3.65 -32.88
C PRO C 125 11.55 -3.79 -34.40
N LEU C 126 10.33 -3.88 -34.91
CA LEU C 126 10.09 -3.96 -36.34
C LEU C 126 10.54 -2.68 -37.03
N LEU C 127 10.14 -1.54 -36.48
CA LEU C 127 10.50 -0.24 -37.04
C LEU C 127 12.01 -0.04 -37.12
N VAL C 128 12.74 -0.54 -36.12
CA VAL C 128 14.21 -0.48 -36.13
C VAL C 128 14.78 -1.36 -37.25
N ARG C 129 14.28 -2.58 -37.36
CA ARG C 129 14.74 -3.51 -38.41
C ARG C 129 14.47 -2.98 -39.81
N LEU C 130 13.32 -2.33 -39.98
CA LEU C 130 12.93 -1.73 -41.26
C LEU C 130 13.56 -0.35 -41.51
N GLY C 131 14.47 0.07 -40.64
CA GLY C 131 15.22 1.31 -40.83
C GLY C 131 14.44 2.58 -40.59
N LYS C 132 13.30 2.49 -39.91
CA LYS C 132 12.46 3.67 -39.65
C LYS C 132 12.76 4.33 -38.31
N LEU C 133 13.49 3.62 -37.45
CA LEU C 133 13.95 4.16 -36.17
C LEU C 133 15.40 3.73 -35.94
N PRO C 134 16.21 4.57 -35.28
CA PRO C 134 17.60 4.23 -35.00
C PRO C 134 17.76 3.26 -33.83
N ASP C 135 18.95 2.65 -33.75
CA ASP C 135 19.34 1.75 -32.67
C ASP C 135 20.74 2.15 -32.18
N VAL C 136 20.77 3.02 -31.18
CA VAL C 136 22.02 3.56 -30.65
C VAL C 136 22.28 2.95 -29.28
N PRO C 137 23.54 2.53 -29.03
CA PRO C 137 23.87 2.02 -27.70
C PRO C 137 23.46 2.96 -26.57
N LYS C 138 22.99 2.40 -25.47
CA LYS C 138 22.55 3.18 -24.31
C LYS C 138 23.64 4.11 -23.77
N VAL C 139 24.88 3.64 -23.77
CA VAL C 139 26.00 4.46 -23.29
C VAL C 139 26.23 5.72 -24.13
N VAL C 140 25.90 5.65 -25.42
CA VAL C 140 26.02 6.81 -26.31
C VAL C 140 24.84 7.78 -26.08
N LEU C 141 23.64 7.22 -26.01
CA LEU C 141 22.43 8.01 -25.72
C LEU C 141 22.59 8.82 -24.44
N GLU C 142 23.07 8.17 -23.39
CA GLU C 142 23.29 8.83 -22.09
C GLU C 142 24.45 9.82 -22.11
N ALA C 143 25.39 9.63 -23.04
CA ALA C 143 26.56 10.50 -23.14
C ALA C 143 26.25 11.81 -23.87
N SER C 144 25.59 11.71 -25.01
CA SER C 144 25.38 12.87 -25.89
C SER C 144 24.34 12.59 -26.97
N ALA C 145 23.42 13.53 -27.16
CA ALA C 145 22.43 13.47 -28.24
C ALA C 145 23.09 13.73 -29.61
N LYS C 146 24.07 14.63 -29.64
CA LYS C 146 24.78 14.97 -30.88
C LYS C 146 25.62 13.80 -31.42
N LEU C 147 26.24 13.04 -30.50
CA LEU C 147 27.01 11.86 -30.90
C LEU C 147 26.07 10.72 -31.27
N ALA C 148 24.94 10.63 -30.56
CA ALA C 148 23.89 9.67 -30.90
C ALA C 148 23.39 9.91 -32.32
N ALA C 149 23.17 11.17 -32.66
CA ALA C 149 22.78 11.57 -34.01
C ALA C 149 23.85 11.19 -35.05
N ALA C 150 25.12 11.27 -34.66
CA ALA C 150 26.24 10.91 -35.54
C ALA C 150 26.35 9.40 -35.83
N LEU C 151 25.54 8.59 -35.16
CA LEU C 151 25.47 7.15 -35.45
C LEU C 151 24.17 6.53 -34.96
N SER D 2 -5.02 -11.20 -1.86
CA SER D 2 -6.12 -11.44 -2.82
C SER D 2 -5.95 -10.58 -4.08
N MET D 3 -6.69 -10.94 -5.13
CA MET D 3 -6.68 -10.15 -6.35
C MET D 3 -7.08 -8.71 -6.08
N ALA D 4 -8.09 -8.51 -5.23
CA ALA D 4 -8.56 -7.17 -4.90
C ALA D 4 -7.46 -6.34 -4.25
N GLU D 5 -6.71 -6.94 -3.33
CA GLU D 5 -5.61 -6.24 -2.65
C GLU D 5 -4.46 -5.94 -3.60
N ARG D 6 -4.12 -6.88 -4.47
CA ARG D 6 -3.06 -6.67 -5.46
C ARG D 6 -3.45 -5.59 -6.48
N LYS D 7 -4.71 -5.55 -6.88
CA LYS D 7 -5.19 -4.45 -7.73
C LYS D 7 -5.02 -3.10 -7.01
N ALA D 8 -5.39 -3.06 -5.73
CA ALA D 8 -5.27 -1.85 -4.93
C ALA D 8 -3.83 -1.38 -4.85
N LEU D 9 -2.89 -2.32 -4.65
CA LEU D 9 -1.49 -1.97 -4.60
C LEU D 9 -1.00 -1.41 -5.95
N CYS D 10 -1.40 -2.02 -7.05
CA CYS D 10 -1.03 -1.50 -8.37
C CYS D 10 -1.58 -0.10 -8.60
N LEU D 11 -2.80 0.17 -8.14
CA LEU D 11 -3.36 1.50 -8.28
C LEU D 11 -2.63 2.55 -7.41
N GLU D 12 -2.04 2.11 -6.29
CA GLU D 12 -1.18 3.01 -5.52
C GLU D 12 0.10 3.35 -6.28
N MET D 13 0.59 2.40 -7.07
CA MET D 13 1.77 2.62 -7.91
CA MET D 13 1.77 2.65 -7.88
C MET D 13 1.42 3.64 -9.00
N VAL D 14 0.22 3.51 -9.57
CA VAL D 14 -0.29 4.48 -10.56
C VAL D 14 -0.42 5.87 -9.90
N ALA D 15 -0.95 5.90 -8.67
CA ALA D 15 -1.07 7.17 -7.94
C ALA D 15 0.30 7.81 -7.73
N ALA D 16 1.31 6.99 -7.45
CA ALA D 16 2.69 7.46 -7.25
C ALA D 16 3.21 8.12 -8.53
N TRP D 17 2.99 7.47 -9.67
CA TRP D 17 3.33 8.08 -10.97
C TRP D 17 2.65 9.42 -11.12
N ASN D 18 1.37 9.48 -10.76
CA ASN D 18 0.56 10.66 -10.96
C ASN D 18 0.88 11.82 -10.03
N ARG D 19 1.68 11.57 -9.00
CA ARG D 19 2.27 12.67 -8.21
C ARG D 19 3.78 12.76 -8.41
N TRP D 20 4.28 12.07 -9.44
CA TRP D 20 5.69 12.15 -9.87
C TRP D 20 6.66 11.73 -8.78
N ASP D 21 6.29 10.64 -8.10
CA ASP D 21 7.00 10.11 -6.95
C ASP D 21 7.55 8.71 -7.28
N LEU D 22 8.75 8.66 -7.84
CA LEU D 22 9.31 7.37 -8.27
C LEU D 22 9.54 6.42 -7.08
N SER D 23 9.88 6.99 -5.94
CA SER D 23 10.12 6.18 -4.74
CA SER D 23 10.10 6.21 -4.72
C SER D 23 8.85 5.43 -4.32
N GLY D 24 7.68 6.02 -4.59
CA GLY D 24 6.39 5.39 -4.30
C GLY D 24 6.05 4.19 -5.17
N ILE D 25 6.79 4.02 -6.26
CA ILE D 25 6.68 2.85 -7.11
C ILE D 25 7.71 1.82 -6.70
N ILE D 26 8.95 2.27 -6.60
CA ILE D 26 10.10 1.40 -6.37
C ILE D 26 10.02 0.71 -5.01
N LYS D 27 9.36 1.35 -4.04
CA LYS D 27 9.23 0.75 -2.72
C LYS D 27 8.47 -0.58 -2.74
N HIS D 28 7.66 -0.81 -3.78
CA HIS D 28 6.90 -2.06 -3.91
C HIS D 28 7.65 -3.17 -4.63
N TRP D 29 8.85 -2.86 -5.12
CA TRP D 29 9.67 -3.83 -5.81
C TRP D 29 10.35 -4.75 -4.82
N SER D 30 10.36 -6.05 -5.12
CA SER D 30 11.17 -7.00 -4.40
CA SER D 30 11.18 -7.00 -4.39
C SER D 30 12.64 -6.70 -4.69
N PRO D 31 13.53 -6.97 -3.72
CA PRO D 31 14.97 -6.86 -4.03
C PRO D 31 15.38 -7.77 -5.19
N ASP D 32 14.63 -8.84 -5.38
CA ASP D 32 14.89 -9.82 -6.42
C ASP D 32 14.05 -9.62 -7.67
N ILE D 33 13.43 -8.44 -7.81
CA ILE D 33 12.59 -8.15 -8.96
C ILE D 33 13.34 -8.34 -10.28
N VAL D 34 12.63 -8.85 -11.28
CA VAL D 34 13.15 -8.91 -12.65
C VAL D 34 12.19 -8.15 -13.56
N HIS D 35 12.74 -7.29 -14.42
CA HIS D 35 11.94 -6.54 -15.38
C HIS D 35 12.18 -7.11 -16.76
N TYR D 36 11.12 -7.13 -17.55
CA TYR D 36 11.20 -7.57 -18.94
C TYR D 36 10.53 -6.57 -19.88
N SER D 37 11.20 -6.30 -20.98
CA SER D 37 10.60 -5.49 -22.04
C SER D 37 11.04 -6.05 -23.39
N GLU D 38 10.07 -6.25 -24.28
CA GLU D 38 10.31 -6.86 -25.58
C GLU D 38 10.95 -8.25 -25.41
N ASP D 39 10.59 -8.93 -24.34
CA ASP D 39 11.02 -10.28 -24.05
C ASP D 39 12.49 -10.36 -23.58
N ASN D 40 13.07 -9.21 -23.33
CA ASN D 40 14.42 -9.14 -22.84
C ASN D 40 14.46 -8.62 -21.41
N GLU D 41 15.29 -9.19 -20.58
CA GLU D 41 15.61 -8.68 -19.26
CA GLU D 41 15.55 -8.65 -19.26
C GLU D 41 16.12 -7.26 -19.31
N VAL D 42 15.67 -6.41 -18.41
CA VAL D 42 16.14 -5.03 -18.26
C VAL D 42 16.54 -4.87 -16.80
N SER D 43 17.75 -4.39 -16.55
CA SER D 43 18.23 -4.24 -15.17
C SER D 43 17.41 -3.21 -14.42
N SER D 44 17.30 -3.37 -13.10
CA SER D 44 16.63 -2.36 -12.27
C SER D 44 17.28 -1.00 -12.46
N ALA D 45 18.60 -0.97 -12.52
CA ALA D 45 19.33 0.29 -12.74
C ALA D 45 18.88 0.99 -14.02
N ASP D 46 18.79 0.22 -15.11
CA ASP D 46 18.37 0.78 -16.40
C ASP D 46 16.90 1.21 -16.38
N MET D 47 16.05 0.42 -15.71
CA MET D 47 14.64 0.77 -15.57
C MET D 47 14.47 2.10 -14.86
N VAL D 48 15.19 2.28 -13.75
CA VAL D 48 15.08 3.51 -12.97
C VAL D 48 15.55 4.71 -13.80
N LYS D 49 16.62 4.55 -14.57
CA LYS D 49 17.09 5.61 -15.46
C LYS D 49 16.03 6.02 -16.47
N LEU D 50 15.32 5.04 -17.03
CA LEU D 50 14.25 5.31 -17.99
C LEU D 50 13.10 6.04 -17.33
N MET D 51 12.77 5.64 -16.11
CA MET D 51 11.70 6.29 -15.35
C MET D 51 12.05 7.75 -15.06
N GLU D 52 13.27 7.97 -14.56
CA GLU D 52 13.81 9.31 -14.28
C GLU D 52 13.85 10.18 -15.53
N GLY D 53 14.35 9.63 -16.63
CA GLY D 53 14.42 10.34 -17.92
C GLY D 53 13.08 10.73 -18.49
N GLY D 54 12.11 9.81 -18.41
CA GLY D 54 10.74 10.09 -18.86
C GLY D 54 10.10 11.22 -18.07
N LEU D 55 10.30 11.17 -16.76
CA LEU D 55 9.78 12.20 -15.86
C LEU D 55 10.39 13.58 -16.15
N LYS D 56 11.66 13.61 -16.52
CA LYS D 56 12.31 14.86 -16.88
C LYS D 56 11.77 15.43 -18.19
N ALA D 57 11.53 14.57 -19.17
CA ALA D 57 11.04 14.97 -20.48
C ALA D 57 9.57 15.38 -20.44
N PHE D 58 8.80 14.72 -19.59
CA PHE D 58 7.34 14.86 -19.52
C PHE D 58 6.93 15.06 -18.06
N PRO D 59 7.30 16.22 -17.47
CA PRO D 59 7.20 16.42 -16.03
C PRO D 59 5.77 16.46 -15.49
N ASP D 60 4.78 16.70 -16.36
CA ASP D 60 3.37 16.76 -15.94
C ASP D 60 2.60 15.50 -16.35
N LEU D 61 3.31 14.43 -16.66
CA LEU D 61 2.65 13.24 -17.18
C LEU D 61 1.56 12.73 -16.24
N GLN D 62 0.49 12.22 -16.82
CA GLN D 62 -0.61 11.63 -16.07
C GLN D 62 -1.01 10.31 -16.70
N LEU D 63 -1.23 9.30 -15.85
CA LEU D 63 -1.63 7.95 -16.26
C LEU D 63 -3.13 7.79 -16.04
N GLU D 64 -3.83 7.36 -17.09
CA GLU D 64 -5.22 6.96 -16.98
C GLU D 64 -5.32 5.45 -17.16
N VAL D 65 -5.82 4.77 -16.15
CA VAL D 65 -6.01 3.36 -16.25
C VAL D 65 -7.27 3.06 -17.04
N LYS D 66 -7.12 2.51 -18.22
CA LYS D 66 -8.24 2.13 -19.04
C LYS D 66 -8.86 0.80 -18.64
N SER D 67 -8.04 -0.11 -18.18
CA SER D 67 -8.52 -1.35 -17.66
C SER D 67 -7.54 -1.98 -16.70
N ILE D 68 -8.07 -2.77 -15.79
CA ILE D 68 -7.24 -3.47 -14.84
C ILE D 68 -7.82 -4.88 -14.71
N MET D 69 -6.94 -5.86 -14.67
CA MET D 69 -7.34 -7.25 -14.59
C MET D 69 -6.39 -7.96 -13.65
N ALA D 70 -6.91 -8.92 -12.89
CA ALA D 70 -6.09 -9.74 -12.01
C ALA D 70 -6.49 -11.21 -12.07
N GLU D 71 -5.49 -12.08 -12.01
CA GLU D 71 -5.68 -13.54 -11.94
C GLU D 71 -4.46 -14.14 -11.26
N GLU D 72 -4.71 -15.15 -10.43
CA GLU D 72 -3.71 -15.73 -9.55
CA GLU D 72 -3.63 -15.74 -9.65
C GLU D 72 -2.84 -14.63 -8.91
N ASP D 73 -1.53 -14.62 -9.10
CA ASP D 73 -0.64 -13.65 -8.45
C ASP D 73 -0.26 -12.46 -9.33
N ARG D 74 -0.99 -12.29 -10.44
CA ARG D 74 -0.67 -11.25 -11.42
CA ARG D 74 -0.68 -11.26 -11.43
C ARG D 74 -1.77 -10.20 -11.54
N VAL D 75 -1.35 -9.01 -11.97
CA VAL D 75 -2.25 -7.91 -12.27
C VAL D 75 -1.73 -7.28 -13.57
N ALA D 76 -2.65 -6.93 -14.46
CA ALA D 76 -2.31 -6.21 -15.69
C ALA D 76 -3.14 -4.95 -15.79
N LEU D 77 -2.48 -3.87 -16.22
CA LEU D 77 -3.13 -2.57 -16.38
C LEU D 77 -2.86 -2.04 -17.78
N ARG D 78 -3.94 -1.67 -18.47
CA ARG D 78 -3.86 -0.95 -19.73
C ARG D 78 -4.02 0.53 -19.42
N ILE D 79 -3.00 1.32 -19.80
CA ILE D 79 -2.85 2.69 -19.37
C ILE D 79 -2.60 3.61 -20.56
N THR D 80 -3.22 4.80 -20.53
CA THR D 80 -2.91 5.85 -21.48
C THR D 80 -2.20 6.96 -20.72
N VAL D 81 -1.05 7.38 -21.23
CA VAL D 81 -0.28 8.47 -20.66
C VAL D 81 -0.50 9.73 -21.49
N THR D 82 -0.74 10.85 -20.82
CA THR D 82 -0.80 12.15 -21.47
C THR D 82 0.14 13.11 -20.74
N ALA D 83 0.77 14.00 -21.50
CA ALA D 83 1.78 14.89 -20.95
C ALA D 83 2.08 16.03 -21.92
N THR D 84 2.91 16.96 -21.44
CA THR D 84 3.45 18.01 -22.27
C THR D 84 4.95 17.74 -22.45
N HIS D 85 5.45 17.90 -23.67
CA HIS D 85 6.87 17.74 -23.97
C HIS D 85 7.64 18.99 -23.53
N GLN D 86 8.23 18.92 -22.33
CA GLN D 86 8.93 20.06 -21.73
C GLN D 86 10.43 19.85 -21.55
N GLY D 87 10.91 18.62 -21.69
CA GLY D 87 12.35 18.35 -21.68
C GLY D 87 12.80 17.55 -22.89
N GLU D 88 14.08 17.66 -23.23
CA GLU D 88 14.63 16.94 -24.35
CA GLU D 88 14.67 16.91 -24.34
C GLU D 88 14.30 15.45 -24.24
N PHE D 89 13.87 14.86 -25.35
CA PHE D 89 13.57 13.42 -25.39
C PHE D 89 13.94 12.84 -26.74
N MET D 90 14.72 11.77 -26.72
CA MET D 90 15.23 11.14 -27.95
C MET D 90 15.90 12.14 -28.88
N GLY D 91 16.66 13.07 -28.29
CA GLY D 91 17.39 14.07 -29.05
C GLY D 91 16.54 15.21 -29.60
N VAL D 92 15.23 15.20 -29.31
CA VAL D 92 14.32 16.23 -29.80
C VAL D 92 14.11 17.27 -28.71
N GLN D 93 14.41 18.52 -29.02
CA GLN D 93 14.24 19.61 -28.07
C GLN D 93 12.76 19.81 -27.74
N PRO D 94 12.46 20.25 -26.51
CA PRO D 94 11.06 20.35 -26.11
C PRO D 94 10.27 21.33 -26.98
N THR D 95 9.06 20.93 -27.34
CA THR D 95 8.19 21.70 -28.21
C THR D 95 7.07 22.37 -27.43
N GLY D 96 6.81 21.87 -26.22
CA GLY D 96 5.65 22.29 -25.44
C GLY D 96 4.36 21.67 -25.95
N GLN D 97 4.46 20.72 -26.88
CA GLN D 97 3.30 20.03 -27.43
C GLN D 97 2.71 19.07 -26.41
N ARG D 98 1.40 18.89 -26.45
CA ARG D 98 0.76 17.78 -25.75
C ARG D 98 1.09 16.49 -26.49
N VAL D 99 1.38 15.42 -25.73
CA VAL D 99 1.69 14.13 -26.31
C VAL D 99 0.92 13.06 -25.57
N SER D 100 0.88 11.88 -26.15
CA SER D 100 0.24 10.74 -25.51
C SER D 100 0.92 9.46 -25.95
N TRP D 101 0.81 8.44 -25.12
CA TRP D 101 1.17 7.10 -25.53
C TRP D 101 0.40 6.06 -24.71
N HIS D 102 0.60 4.80 -25.03
CA HIS D 102 -0.25 3.75 -24.48
C HIS D 102 0.62 2.58 -24.09
N LEU D 103 0.25 1.91 -23.02
CA LEU D 103 1.03 0.76 -22.58
CA LEU D 103 1.03 0.75 -22.58
C LEU D 103 0.19 -0.21 -21.77
N VAL D 104 0.71 -1.43 -21.64
CA VAL D 104 0.20 -2.41 -20.70
C VAL D 104 1.36 -2.80 -19.79
N GLU D 105 1.13 -2.70 -18.47
CA GLU D 105 2.07 -3.18 -17.46
C GLU D 105 1.47 -4.42 -16.83
N GLU D 106 2.29 -5.47 -16.70
CA GLU D 106 1.90 -6.69 -16.01
C GLU D 106 2.86 -6.93 -14.85
N LEU D 107 2.30 -7.23 -13.68
CA LEU D 107 3.08 -7.39 -12.45
CA LEU D 107 3.08 -7.39 -12.45
C LEU D 107 2.72 -8.71 -11.79
N ARG D 108 3.73 -9.40 -11.25
CA ARG D 108 3.54 -10.62 -10.47
C ARG D 108 4.03 -10.35 -9.06
N PHE D 109 3.23 -10.73 -8.08
CA PHE D 109 3.51 -10.48 -6.66
C PHE D 109 3.91 -11.73 -5.91
N VAL D 110 4.85 -11.56 -4.98
CA VAL D 110 5.12 -12.55 -3.92
C VAL D 110 5.25 -11.78 -2.61
N ASP D 111 4.50 -12.21 -1.59
CA ASP D 111 4.53 -11.56 -0.27
C ASP D 111 4.33 -10.05 -0.35
N GLY D 112 3.42 -9.61 -1.21
CA GLY D 112 3.08 -8.20 -1.35
C GLY D 112 4.09 -7.33 -2.09
N LYS D 113 5.14 -7.94 -2.65
CA LYS D 113 6.15 -7.20 -3.40
C LYS D 113 6.17 -7.69 -4.86
N VAL D 114 6.50 -6.78 -5.77
CA VAL D 114 6.55 -7.12 -7.20
C VAL D 114 7.85 -7.85 -7.47
N VAL D 115 7.75 -9.09 -7.95
CA VAL D 115 8.94 -9.89 -8.29
C VAL D 115 9.21 -9.99 -9.79
N GLU D 116 8.18 -9.79 -10.61
CA GLU D 116 8.34 -9.73 -12.06
C GLU D 116 7.47 -8.61 -12.61
N HIS D 117 8.01 -7.94 -13.61
CA HIS D 117 7.35 -6.82 -14.24
CA HIS D 117 7.33 -6.83 -14.26
C HIS D 117 7.59 -6.90 -15.76
N TRP D 118 6.49 -6.90 -16.51
CA TRP D 118 6.56 -6.91 -17.97
C TRP D 118 5.84 -5.68 -18.50
N ASP D 119 6.40 -5.06 -19.54
CA ASP D 119 5.68 -3.97 -20.20
C ASP D 119 5.58 -4.18 -21.71
N VAL D 120 4.50 -3.66 -22.27
CA VAL D 120 4.34 -3.53 -23.71
C VAL D 120 3.99 -2.07 -23.93
N ILE D 121 4.91 -1.32 -24.51
CA ILE D 121 4.74 0.13 -24.66
CA ILE D 121 4.75 0.12 -24.65
C ILE D 121 4.60 0.53 -26.12
N ASN D 122 3.46 1.14 -26.45
CA ASN D 122 3.24 1.72 -27.77
C ASN D 122 3.51 3.22 -27.75
N MET D 123 4.69 3.60 -28.24
CA MET D 123 5.09 5.01 -28.32
CA MET D 123 5.09 5.01 -28.32
C MET D 123 4.77 5.64 -29.69
N ARG D 124 4.09 4.90 -30.57
CA ARG D 124 3.83 5.42 -31.92
C ARG D 124 3.32 6.86 -31.96
N PRO D 125 2.26 7.19 -31.18
CA PRO D 125 1.72 8.55 -31.27
C PRO D 125 2.73 9.61 -30.84
N LEU D 126 3.54 9.28 -29.84
CA LEU D 126 4.60 10.17 -29.37
C LEU D 126 5.70 10.36 -30.42
N LEU D 127 6.14 9.26 -31.01
CA LEU D 127 7.18 9.29 -32.05
C LEU D 127 6.76 10.14 -33.24
N VAL D 128 5.47 10.09 -33.57
CA VAL D 128 4.92 10.94 -34.62
C VAL D 128 4.96 12.42 -34.22
N ARG D 129 4.58 12.73 -32.98
CA ARG D 129 4.65 14.12 -32.48
C ARG D 129 6.09 14.63 -32.38
N LEU D 130 7.02 13.76 -32.02
CA LEU D 130 8.44 14.12 -31.94
C LEU D 130 9.13 14.21 -33.30
N GLY D 131 8.44 13.79 -34.37
CA GLY D 131 8.97 13.87 -35.73
C GLY D 131 9.84 12.68 -36.12
N LYS D 132 9.82 11.64 -35.30
CA LYS D 132 10.61 10.42 -35.53
C LYS D 132 9.94 9.46 -36.52
N LEU D 133 8.63 9.57 -36.65
CA LEU D 133 7.85 8.80 -37.62
C LEU D 133 6.88 9.75 -38.30
N PRO D 134 6.50 9.45 -39.56
CA PRO D 134 5.61 10.35 -40.29
C PRO D 134 4.14 10.23 -39.85
#